data_1IKQ
#
_entry.id   1IKQ
#
_cell.length_a   59.520
_cell.length_b   98.120
_cell.length_c   58.260
_cell.angle_alpha   90.00
_cell.angle_beta   97.30
_cell.angle_gamma   90.00
#
_symmetry.space_group_name_H-M   'P 1 21 1'
#
loop_
_entity.id
_entity.type
_entity.pdbx_description
1 polymer 'EXOTOXIN A'
2 non-polymer 'CHLORIDE ION'
3 non-polymer 'SODIUM ION'
4 water water
#
_entity_poly.entity_id   1
_entity_poly.type   'polypeptide(L)'
_entity_poly.pdbx_seq_one_letter_code
;AEEAFDLWNECAKACVLDLKDGVRSSRMSVDPAIADTNGQGVLHYSMVLEGGNDALKLAIDNALSITSDGLTIRLEGGVE
PNKPVRYSYTRQARGSWSLNWLVPIGHEKPSNIKVFIHELNAGNQLSHMSPIYTIEMGDELLAKLARDATFFVRAHESNE
MQPTLAISHAGVSVVMAQAQPRREKRWSEWASGKVLCLLDPLDGVYNYLAQQRCNLDDTWEGKIYRVLAGNPAKHDLDIK
PTVISHRLHFPEGGSLAALTAHQACHLPLETFTRHRQPRGWEQLEQCGYPVQRLVALYLAARLSWNQVDQVIRNALASPG
SGGDLGEAIREQPEQARLALTLAAAESERFVRQGTGNDEAGAANADVVSLTCPVAAGECAGPADSGDALLERNYPTGAEF
LGDGGDVSFSTRGTQNWTVERLLQAHRQLEERGYVFVGYHGTFLEAAQSIVFGGVRARSQDLDAIWRGFYIAGDPALAYG
YAQDQEPDARGRIRNGALLRVYVPRSSLPGFYRTSLTLAAPEAAGEVERLIGHPLPLRLDAITGPEEEGGRLETILGWPL
AERTVVIPSAIPTDPRNVGGDLDPSSIPDKEQAISALPDYASQPGKPPREDLK
;
_entity_poly.pdbx_strand_id   A
#
loop_
_chem_comp.id
_chem_comp.type
_chem_comp.name
_chem_comp.formula
CL non-polymer 'CHLORIDE ION' 'Cl -1'
NA non-polymer 'SODIUM ION' 'Na 1'
#
# COMPACT_ATOMS: atom_id res chain seq x y z
N GLU A 2 -15.83 -36.43 -23.32
CA GLU A 2 -16.19 -35.61 -24.51
C GLU A 2 -16.00 -34.13 -24.22
N GLU A 3 -16.81 -33.61 -23.29
CA GLU A 3 -16.73 -32.21 -22.90
C GLU A 3 -15.61 -32.02 -21.90
N ALA A 4 -15.35 -33.06 -21.12
CA ALA A 4 -14.30 -33.00 -20.11
C ALA A 4 -12.92 -33.23 -20.74
N PHE A 5 -11.89 -32.79 -20.02
CA PHE A 5 -10.51 -32.97 -20.42
C PHE A 5 -9.70 -32.90 -19.15
N ASP A 6 -8.43 -33.29 -19.22
CA ASP A 6 -7.57 -33.27 -18.05
C ASP A 6 -6.50 -32.22 -18.24
N LEU A 7 -6.77 -31.04 -17.69
CA LEU A 7 -5.90 -29.89 -17.79
C LEU A 7 -4.43 -30.12 -17.45
N TRP A 8 -4.17 -30.68 -16.27
CA TRP A 8 -2.79 -30.89 -15.84
C TRP A 8 -2.06 -32.06 -16.49
N ASN A 9 -2.78 -32.87 -17.26
CA ASN A 9 -2.16 -34.00 -17.94
C ASN A 9 -1.93 -33.63 -19.40
N GLU A 10 -3.01 -33.21 -20.06
CA GLU A 10 -2.98 -32.86 -21.47
C GLU A 10 -2.32 -31.53 -21.80
N CYS A 11 -2.44 -30.56 -20.90
CA CYS A 11 -1.90 -29.23 -21.16
C CYS A 11 -0.65 -28.84 -20.37
N ALA A 12 -0.06 -29.80 -19.66
CA ALA A 12 1.16 -29.57 -18.89
C ALA A 12 2.27 -29.15 -19.86
N LYS A 13 2.30 -29.80 -21.02
CA LYS A 13 3.28 -29.44 -22.04
C LYS A 13 2.57 -28.55 -23.04
N ALA A 14 1.60 -29.11 -23.76
CA ALA A 14 0.85 -28.34 -24.74
C ALA A 14 -0.37 -29.12 -25.21
N CYS A 15 -1.49 -28.43 -25.33
CA CYS A 15 -2.73 -29.05 -25.78
C CYS A 15 -3.48 -28.06 -26.65
N VAL A 16 -4.32 -28.59 -27.53
CA VAL A 16 -5.15 -27.77 -28.38
C VAL A 16 -6.55 -28.31 -28.14
N LEU A 17 -7.37 -27.49 -27.48
CA LEU A 17 -8.74 -27.87 -27.15
C LEU A 17 -9.78 -27.41 -28.15
N ASP A 18 -10.61 -28.35 -28.60
CA ASP A 18 -11.68 -28.04 -29.54
C ASP A 18 -12.84 -27.42 -28.77
N LEU A 19 -13.24 -26.22 -29.18
CA LEU A 19 -14.33 -25.49 -28.53
C LEU A 19 -15.57 -25.37 -29.42
N LYS A 20 -15.52 -25.97 -30.61
CA LYS A 20 -16.62 -25.89 -31.55
C LYS A 20 -17.94 -26.51 -31.08
N ASP A 21 -17.85 -27.48 -30.17
CA ASP A 21 -19.04 -28.18 -29.67
C ASP A 21 -19.52 -27.71 -28.30
N GLY A 22 -19.02 -26.58 -27.82
CA GLY A 22 -19.45 -26.09 -26.53
C GLY A 22 -18.35 -26.05 -25.49
N VAL A 23 -18.74 -25.67 -24.28
CA VAL A 23 -17.81 -25.55 -23.17
C VAL A 23 -17.03 -26.83 -22.86
N ARG A 24 -15.75 -26.65 -22.56
CA ARG A 24 -14.88 -27.75 -22.18
C ARG A 24 -14.58 -27.54 -20.70
N SER A 25 -14.47 -28.63 -19.95
CA SER A 25 -14.22 -28.50 -18.51
C SER A 25 -13.22 -29.54 -18.00
N SER A 26 -12.49 -29.17 -16.94
CA SER A 26 -11.53 -30.08 -16.33
C SER A 26 -11.54 -29.87 -14.83
N ARG A 27 -11.62 -30.96 -14.08
CA ARG A 27 -11.61 -30.82 -12.62
C ARG A 27 -10.17 -30.61 -12.17
N MET A 28 -9.99 -29.69 -11.23
CA MET A 28 -8.67 -29.40 -10.69
C MET A 28 -8.69 -29.86 -9.24
N SER A 29 -8.06 -31.01 -8.98
CA SER A 29 -8.03 -31.57 -7.64
C SER A 29 -6.63 -31.60 -7.04
N VAL A 30 -6.53 -31.14 -5.80
CA VAL A 30 -5.28 -31.10 -5.06
C VAL A 30 -5.47 -31.89 -3.77
N ASP A 31 -4.41 -32.57 -3.33
CA ASP A 31 -4.48 -33.37 -2.11
C ASP A 31 -5.04 -32.52 -0.96
N PRO A 32 -6.17 -32.95 -0.37
CA PRO A 32 -6.82 -32.23 0.74
C PRO A 32 -5.91 -31.93 1.91
N ALA A 33 -4.82 -32.69 2.05
CA ALA A 33 -3.87 -32.49 3.13
C ALA A 33 -3.17 -31.15 2.98
N ILE A 34 -3.13 -30.63 1.76
CA ILE A 34 -2.49 -29.35 1.49
C ILE A 34 -3.34 -28.17 1.97
N ALA A 35 -4.63 -28.19 1.64
CA ALA A 35 -5.53 -27.12 2.05
C ALA A 35 -5.71 -27.14 3.57
N ASP A 36 -5.45 -28.29 4.18
CA ASP A 36 -5.60 -28.44 5.62
C ASP A 36 -4.26 -28.44 6.36
N THR A 37 -3.25 -27.78 5.78
CA THR A 37 -1.93 -27.72 6.40
C THR A 37 -1.98 -26.92 7.71
N ASN A 38 -1.04 -27.22 8.60
CA ASN A 38 -0.97 -26.55 9.90
C ASN A 38 -0.10 -25.30 9.87
N GLY A 39 0.65 -25.10 8.78
CA GLY A 39 1.49 -23.92 8.65
C GLY A 39 0.82 -22.93 7.71
N GLN A 40 1.61 -22.31 6.84
CA GLN A 40 1.05 -21.36 5.88
C GLN A 40 1.68 -21.59 4.52
N GLY A 41 0.91 -21.34 3.47
CA GLY A 41 1.45 -21.54 2.15
C GLY A 41 0.62 -20.83 1.10
N VAL A 42 1.06 -20.93 -0.15
CA VAL A 42 0.36 -20.33 -1.26
C VAL A 42 0.36 -21.30 -2.42
N LEU A 43 -0.82 -21.58 -2.95
CA LEU A 43 -0.92 -22.45 -4.13
C LEU A 43 -0.90 -21.47 -5.31
N HIS A 44 -0.01 -21.72 -6.26
CA HIS A 44 0.13 -20.88 -7.42
C HIS A 44 -0.31 -21.66 -8.63
N TYR A 45 -1.47 -21.30 -9.16
CA TYR A 45 -2.04 -21.93 -10.36
C TYR A 45 -1.67 -21.08 -11.57
N SER A 46 -1.22 -21.71 -12.65
CA SER A 46 -0.87 -20.93 -13.83
C SER A 46 -1.00 -21.77 -15.07
N MET A 47 -1.09 -21.09 -16.20
CA MET A 47 -1.15 -21.74 -17.51
C MET A 47 -0.92 -20.67 -18.54
N VAL A 48 -0.37 -21.08 -19.67
CA VAL A 48 -0.12 -20.16 -20.75
C VAL A 48 -1.18 -20.41 -21.82
N LEU A 49 -1.88 -19.34 -22.18
CA LEU A 49 -2.93 -19.40 -23.18
C LEU A 49 -2.38 -18.80 -24.46
N GLU A 50 -2.41 -19.60 -25.52
CA GLU A 50 -1.87 -19.17 -26.80
C GLU A 50 -2.96 -19.02 -27.85
N GLY A 51 -2.81 -19.67 -29.00
CA GLY A 51 -3.82 -19.55 -30.04
C GLY A 51 -5.24 -19.71 -29.55
N GLY A 52 -6.09 -18.72 -29.84
CA GLY A 52 -7.49 -18.76 -29.45
C GLY A 52 -7.75 -18.03 -28.16
N ASN A 53 -6.69 -17.47 -27.58
CA ASN A 53 -6.83 -16.76 -26.30
C ASN A 53 -7.51 -15.40 -26.41
N ASP A 54 -7.87 -15.00 -27.63
CA ASP A 54 -8.50 -13.72 -27.88
C ASP A 54 -10.00 -13.78 -28.16
N ALA A 55 -10.64 -14.91 -27.87
CA ALA A 55 -12.08 -15.06 -28.08
C ALA A 55 -12.46 -16.12 -27.08
N LEU A 56 -12.35 -15.78 -25.80
CA LEU A 56 -12.56 -16.79 -24.78
C LEU A 56 -13.25 -16.31 -23.49
N LYS A 57 -14.02 -17.22 -22.90
CA LYS A 57 -14.64 -16.96 -21.59
C LYS A 57 -14.26 -18.18 -20.76
N LEU A 58 -13.44 -17.94 -19.74
CA LEU A 58 -12.95 -19.00 -18.86
C LEU A 58 -13.53 -18.79 -17.47
N ALA A 59 -13.60 -19.86 -16.69
CA ALA A 59 -14.11 -19.72 -15.34
C ALA A 59 -13.62 -20.85 -14.46
N ILE A 60 -13.49 -20.57 -13.17
CA ILE A 60 -13.14 -21.58 -12.17
C ILE A 60 -14.45 -21.60 -11.38
N ASP A 61 -15.25 -22.65 -11.56
CA ASP A 61 -16.57 -22.75 -10.93
C ASP A 61 -17.23 -21.44 -11.35
N ASN A 62 -18.02 -20.83 -10.47
CA ASN A 62 -18.59 -19.52 -10.75
C ASN A 62 -17.79 -18.51 -9.90
N ALA A 63 -16.73 -18.98 -9.25
CA ALA A 63 -15.93 -18.12 -8.37
C ALA A 63 -15.03 -17.10 -9.06
N LEU A 64 -14.54 -17.43 -10.24
CA LEU A 64 -13.67 -16.54 -10.99
C LEU A 64 -14.00 -16.72 -12.46
N SER A 65 -14.18 -15.61 -13.16
CA SER A 65 -14.50 -15.64 -14.59
C SER A 65 -13.63 -14.65 -15.33
N ILE A 66 -13.10 -15.10 -16.45
CA ILE A 66 -12.24 -14.27 -17.26
C ILE A 66 -12.84 -14.17 -18.66
N THR A 67 -12.79 -13.00 -19.25
CA THR A 67 -13.32 -12.82 -20.61
C THR A 67 -12.18 -12.14 -21.38
N SER A 68 -11.72 -12.79 -22.45
CA SER A 68 -10.62 -12.25 -23.22
C SER A 68 -11.06 -12.08 -24.66
N ASP A 69 -10.99 -10.86 -25.18
CA ASP A 69 -11.44 -10.61 -26.53
C ASP A 69 -10.33 -10.10 -27.45
N GLY A 70 -9.09 -10.11 -26.95
CA GLY A 70 -7.98 -9.63 -27.74
C GLY A 70 -7.58 -8.21 -27.37
N LEU A 71 -8.50 -7.45 -26.78
CA LEU A 71 -8.22 -6.07 -26.40
C LEU A 71 -8.07 -5.95 -24.88
N THR A 72 -8.93 -6.65 -24.15
CA THR A 72 -8.86 -6.61 -22.69
C THR A 72 -9.03 -8.01 -22.13
N ILE A 73 -8.75 -8.12 -20.84
CA ILE A 73 -8.96 -9.38 -20.14
C ILE A 73 -9.76 -8.91 -18.95
N ARG A 74 -11.03 -9.28 -18.92
N ARG A 74 -11.02 -9.31 -18.92
CA ARG A 74 -11.92 -8.89 -17.84
CA ARG A 74 -11.93 -8.93 -17.85
C ARG A 74 -11.99 -10.02 -16.81
C ARG A 74 -11.93 -10.03 -16.80
N LEU A 75 -11.90 -9.64 -15.54
CA LEU A 75 -11.91 -10.61 -14.46
C LEU A 75 -13.03 -10.28 -13.51
N GLU A 76 -13.74 -11.28 -13.03
CA GLU A 76 -14.78 -11.00 -12.03
C GLU A 76 -15.07 -12.24 -11.24
N GLY A 77 -15.64 -12.04 -10.05
CA GLY A 77 -15.97 -13.20 -9.26
C GLY A 77 -16.13 -12.85 -7.80
N GLY A 78 -15.90 -13.87 -6.97
CA GLY A 78 -16.02 -13.70 -5.53
C GLY A 78 -17.17 -14.52 -5.03
N VAL A 79 -17.22 -14.67 -3.71
CA VAL A 79 -18.26 -15.44 -3.04
C VAL A 79 -19.56 -14.67 -2.86
N GLU A 80 -19.47 -13.36 -2.66
CA GLU A 80 -20.65 -12.58 -2.40
C GLU A 80 -21.54 -12.36 -3.62
N PRO A 81 -22.87 -12.46 -3.41
CA PRO A 81 -23.84 -12.27 -4.48
C PRO A 81 -23.97 -10.80 -4.86
N ASN A 82 -25.00 -10.52 -5.65
CA ASN A 82 -25.25 -9.17 -6.15
C ASN A 82 -24.06 -8.76 -7.04
N LYS A 83 -23.65 -7.49 -7.05
CA LYS A 83 -22.52 -7.08 -7.90
C LYS A 83 -21.22 -7.76 -7.50
N PRO A 84 -20.58 -8.46 -8.43
CA PRO A 84 -19.33 -9.14 -8.08
C PRO A 84 -18.14 -8.19 -8.09
N VAL A 85 -16.98 -8.72 -7.71
CA VAL A 85 -15.75 -7.96 -7.74
C VAL A 85 -15.40 -8.00 -9.21
N ARG A 86 -15.06 -6.84 -9.78
CA ARG A 86 -14.75 -6.79 -11.21
C ARG A 86 -13.52 -5.96 -11.53
N TYR A 87 -12.75 -6.43 -12.52
CA TYR A 87 -11.57 -5.71 -12.98
C TYR A 87 -11.46 -5.87 -14.49
N SER A 88 -10.67 -5.01 -15.11
CA SER A 88 -10.44 -5.10 -16.54
C SER A 88 -9.00 -4.71 -16.82
N TYR A 89 -8.25 -5.61 -17.46
CA TYR A 89 -6.86 -5.36 -17.81
C TYR A 89 -6.78 -5.10 -19.32
N THR A 90 -6.16 -3.99 -19.68
CA THR A 90 -6.00 -3.64 -21.09
C THR A 90 -4.71 -4.28 -21.61
N ARG A 91 -4.84 -5.10 -22.64
CA ARG A 91 -3.69 -5.77 -23.23
C ARG A 91 -2.70 -4.74 -23.75
N GLN A 92 -1.43 -4.99 -23.49
CA GLN A 92 -0.37 -4.09 -23.94
C GLN A 92 0.39 -4.79 -25.06
N ALA A 93 -0.05 -6.01 -25.36
CA ALA A 93 0.57 -6.80 -26.41
C ALA A 93 -0.41 -7.77 -27.03
N ARG A 94 -0.01 -8.35 -28.15
CA ARG A 94 -0.82 -9.33 -28.83
C ARG A 94 -0.05 -10.62 -28.59
N GLY A 95 -0.71 -11.75 -28.71
CA GLY A 95 0.01 -12.99 -28.50
C GLY A 95 -0.40 -13.77 -27.27
N SER A 96 0.50 -14.62 -26.80
CA SER A 96 0.22 -15.45 -25.65
C SER A 96 0.26 -14.72 -24.33
N TRP A 97 -0.52 -15.20 -23.38
CA TRP A 97 -0.48 -14.61 -22.06
C TRP A 97 -0.66 -15.70 -21.03
N SER A 98 -0.09 -15.45 -19.86
CA SER A 98 -0.11 -16.38 -18.75
C SER A 98 -1.17 -15.98 -17.73
N LEU A 99 -2.02 -16.93 -17.38
CA LEU A 99 -3.08 -16.75 -16.39
C LEU A 99 -2.53 -17.27 -15.06
N ASN A 100 -2.63 -16.46 -14.01
CA ASN A 100 -2.13 -16.87 -12.71
C ASN A 100 -3.10 -16.53 -11.61
N TRP A 101 -3.29 -17.46 -10.67
CA TRP A 101 -4.09 -17.10 -9.51
C TRP A 101 -3.46 -17.80 -8.31
N LEU A 102 -3.49 -17.08 -7.20
CA LEU A 102 -2.90 -17.55 -5.96
C LEU A 102 -3.97 -17.81 -4.93
N VAL A 103 -3.93 -19.01 -4.35
CA VAL A 103 -4.89 -19.39 -3.31
C VAL A 103 -4.06 -19.63 -2.03
N PRO A 104 -4.32 -18.83 -0.99
CA PRO A 104 -3.55 -19.01 0.25
C PRO A 104 -4.09 -20.18 1.06
N ILE A 105 -3.22 -20.85 1.80
CA ILE A 105 -3.66 -21.96 2.64
C ILE A 105 -3.05 -21.75 4.04
N GLY A 106 -3.71 -22.30 5.05
CA GLY A 106 -3.23 -22.14 6.42
C GLY A 106 -4.42 -21.78 7.29
N HIS A 107 -4.24 -21.80 8.61
CA HIS A 107 -5.34 -21.49 9.52
C HIS A 107 -5.66 -20.02 9.75
N GLU A 108 -4.69 -19.13 9.51
CA GLU A 108 -4.90 -17.70 9.70
C GLU A 108 -4.67 -16.93 8.39
N LYS A 109 -5.02 -17.58 7.29
CA LYS A 109 -4.85 -17.03 5.95
C LYS A 109 -5.83 -15.94 5.56
N PRO A 110 -5.49 -15.16 4.52
CA PRO A 110 -6.33 -14.08 4.00
C PRO A 110 -7.54 -14.80 3.38
N SER A 111 -8.66 -14.10 3.21
CA SER A 111 -9.83 -14.72 2.63
C SER A 111 -10.06 -14.36 1.19
N ASN A 112 -8.98 -13.99 0.50
CA ASN A 112 -9.09 -13.65 -0.93
C ASN A 112 -8.02 -14.37 -1.75
N ILE A 113 -8.21 -14.37 -3.07
CA ILE A 113 -7.19 -14.92 -3.95
C ILE A 113 -6.61 -13.73 -4.70
N LYS A 114 -5.42 -13.92 -5.28
CA LYS A 114 -4.80 -12.89 -6.11
C LYS A 114 -4.85 -13.45 -7.54
N VAL A 115 -4.99 -12.56 -8.51
CA VAL A 115 -5.01 -12.96 -9.91
C VAL A 115 -4.12 -12.00 -10.70
N PHE A 116 -3.25 -12.54 -11.54
CA PHE A 116 -2.45 -11.63 -12.36
C PHE A 116 -2.16 -12.27 -13.70
N ILE A 117 -1.86 -11.40 -14.65
CA ILE A 117 -1.59 -11.79 -16.04
C ILE A 117 -0.19 -11.37 -16.45
N HIS A 118 0.44 -12.21 -17.26
CA HIS A 118 1.77 -11.90 -17.79
C HIS A 118 1.60 -11.96 -19.29
N GLU A 119 1.89 -10.87 -19.98
CA GLU A 119 1.82 -10.91 -21.43
C GLU A 119 3.20 -11.40 -21.87
N LEU A 120 3.24 -12.26 -22.89
CA LEU A 120 4.52 -12.81 -23.34
C LEU A 120 4.81 -12.42 -24.78
N ASN A 121 6.08 -12.27 -25.11
CA ASN A 121 6.44 -11.93 -26.49
C ASN A 121 6.62 -13.21 -27.28
N ALA A 122 7.00 -13.07 -28.55
CA ALA A 122 7.20 -14.24 -29.42
C ALA A 122 8.18 -15.23 -28.82
N GLY A 123 9.24 -14.73 -28.19
CA GLY A 123 10.24 -15.60 -27.61
C GLY A 123 9.89 -16.18 -26.24
N ASN A 124 8.61 -16.20 -25.91
CA ASN A 124 8.14 -16.72 -24.64
C ASN A 124 8.68 -15.97 -23.43
N GLN A 125 9.11 -14.74 -23.64
CA GLN A 125 9.64 -13.93 -22.54
C GLN A 125 8.54 -13.10 -21.90
N LEU A 126 8.66 -12.86 -20.60
CA LEU A 126 7.66 -12.05 -19.89
C LEU A 126 7.86 -10.60 -20.33
N SER A 127 6.90 -10.05 -21.06
CA SER A 127 7.02 -8.68 -21.55
C SER A 127 6.26 -7.64 -20.74
N HIS A 128 5.12 -8.02 -20.19
CA HIS A 128 4.31 -7.09 -19.39
C HIS A 128 3.60 -7.85 -18.31
N MET A 129 3.44 -7.22 -17.16
N MET A 129 3.43 -7.19 -17.17
CA MET A 129 2.71 -7.86 -16.06
CA MET A 129 2.72 -7.79 -16.05
C MET A 129 1.56 -6.94 -15.70
C MET A 129 1.53 -6.90 -15.76
N SER A 130 0.39 -7.52 -15.47
CA SER A 130 -0.80 -6.76 -15.14
C SER A 130 -0.72 -6.47 -13.66
N PRO A 131 -1.66 -5.65 -13.18
CA PRO A 131 -1.69 -5.36 -11.75
C PRO A 131 -2.05 -6.70 -11.13
N ILE A 132 -1.88 -6.81 -9.82
CA ILE A 132 -2.23 -8.01 -9.05
C ILE A 132 -3.64 -7.67 -8.54
N TYR A 133 -4.63 -8.46 -8.95
CA TYR A 133 -6.03 -8.23 -8.59
C TYR A 133 -6.45 -9.10 -7.43
N THR A 134 -7.26 -8.54 -6.53
CA THR A 134 -7.72 -9.27 -5.35
C THR A 134 -9.23 -9.58 -5.41
N ILE A 135 -9.59 -10.85 -5.23
CA ILE A 135 -11.00 -11.25 -5.27
C ILE A 135 -11.37 -11.99 -3.99
N GLU A 136 -12.31 -11.42 -3.26
CA GLU A 136 -12.77 -11.95 -1.98
C GLU A 136 -13.53 -13.27 -2.12
N MET A 137 -13.09 -14.30 -1.42
CA MET A 137 -13.75 -15.60 -1.55
C MET A 137 -14.34 -16.15 -0.27
N GLY A 138 -13.77 -15.75 0.86
CA GLY A 138 -14.23 -16.29 2.12
C GLY A 138 -13.46 -17.57 2.33
N ASP A 139 -13.34 -18.00 3.58
CA ASP A 139 -12.57 -19.19 3.89
C ASP A 139 -13.03 -20.51 3.27
N GLU A 140 -14.34 -20.76 3.25
CA GLU A 140 -14.83 -22.03 2.72
C GLU A 140 -14.61 -22.21 1.22
N LEU A 141 -14.87 -21.15 0.46
CA LEU A 141 -14.69 -21.22 -0.98
C LEU A 141 -13.18 -21.31 -1.29
N LEU A 142 -12.34 -20.71 -0.45
CA LEU A 142 -10.90 -20.80 -0.68
C LEU A 142 -10.48 -22.25 -0.50
N ALA A 143 -11.07 -22.90 0.50
CA ALA A 143 -10.75 -24.30 0.75
C ALA A 143 -11.15 -25.10 -0.48
N LYS A 144 -12.30 -24.75 -1.06
CA LYS A 144 -12.79 -25.45 -2.24
C LYS A 144 -11.90 -25.21 -3.47
N LEU A 145 -11.44 -23.97 -3.60
CA LEU A 145 -10.57 -23.64 -4.73
C LEU A 145 -9.22 -24.36 -4.62
N ALA A 146 -8.83 -24.71 -3.39
CA ALA A 146 -7.55 -25.38 -3.14
C ALA A 146 -7.70 -26.90 -2.99
N ARG A 147 -8.90 -27.41 -3.24
CA ARG A 147 -9.16 -28.84 -3.11
C ARG A 147 -9.73 -29.40 -4.41
N ASP A 148 -10.91 -28.90 -4.77
CA ASP A 148 -11.58 -29.38 -5.97
C ASP A 148 -12.46 -28.32 -6.60
N ALA A 149 -12.03 -27.82 -7.75
CA ALA A 149 -12.78 -26.81 -8.47
C ALA A 149 -12.77 -27.23 -9.93
N THR A 150 -13.62 -26.61 -10.74
CA THR A 150 -13.64 -27.00 -12.14
C THR A 150 -13.26 -25.83 -13.03
N PHE A 151 -12.40 -26.13 -13.99
CA PHE A 151 -11.94 -25.13 -14.95
C PHE A 151 -12.86 -25.25 -16.18
N PHE A 152 -13.46 -24.14 -16.60
CA PHE A 152 -14.36 -24.13 -17.76
C PHE A 152 -13.82 -23.19 -18.83
N VAL A 153 -13.91 -23.62 -20.08
CA VAL A 153 -13.46 -22.77 -21.18
C VAL A 153 -14.44 -22.85 -22.32
N ARG A 154 -14.88 -21.70 -22.81
CA ARG A 154 -15.78 -21.70 -23.95
C ARG A 154 -15.38 -20.59 -24.92
N ALA A 155 -15.64 -20.79 -26.19
CA ALA A 155 -15.31 -19.79 -27.18
C ALA A 155 -16.29 -18.64 -26.99
N HIS A 156 -15.83 -17.43 -27.24
CA HIS A 156 -16.66 -16.26 -27.11
C HIS A 156 -16.40 -15.31 -28.26
N GLU A 157 -17.41 -15.14 -29.12
CA GLU A 157 -17.33 -14.27 -30.28
C GLU A 157 -16.08 -14.52 -31.11
N SER A 158 -15.78 -15.80 -31.31
CA SER A 158 -14.63 -16.21 -32.10
C SER A 158 -14.98 -16.09 -33.59
N ASN A 159 -13.99 -15.77 -34.41
CA ASN A 159 -14.24 -15.66 -35.84
C ASN A 159 -13.87 -16.96 -36.54
N GLU A 160 -13.47 -17.94 -35.75
CA GLU A 160 -13.07 -19.25 -36.28
C GLU A 160 -14.27 -20.16 -36.55
N MET A 161 -14.19 -20.91 -37.65
CA MET A 161 -15.24 -21.85 -38.01
C MET A 161 -15.26 -22.98 -36.99
N GLN A 162 -14.08 -23.33 -36.48
CA GLN A 162 -13.94 -24.39 -35.50
C GLN A 162 -12.95 -23.88 -34.45
N PRO A 163 -13.42 -22.97 -33.59
CA PRO A 163 -12.52 -22.43 -32.57
C PRO A 163 -11.80 -23.45 -31.70
N THR A 164 -10.55 -23.14 -31.39
CA THR A 164 -9.72 -23.97 -30.54
C THR A 164 -8.92 -23.06 -29.64
N LEU A 165 -8.46 -23.61 -28.54
CA LEU A 165 -7.64 -22.89 -27.57
C LEU A 165 -6.42 -23.74 -27.28
N ALA A 166 -5.24 -23.16 -27.46
CA ALA A 166 -4.01 -23.87 -27.18
C ALA A 166 -3.57 -23.45 -25.79
N ILE A 167 -3.26 -24.44 -24.96
CA ILE A 167 -2.79 -24.17 -23.61
C ILE A 167 -1.46 -24.87 -23.42
N SER A 168 -0.52 -24.20 -22.76
CA SER A 168 0.77 -24.82 -22.49
C SER A 168 1.19 -24.53 -21.06
N HIS A 169 2.04 -25.41 -20.52
CA HIS A 169 2.54 -25.28 -19.16
C HIS A 169 1.48 -25.04 -18.10
N ALA A 170 0.39 -25.81 -18.17
CA ALA A 170 -0.64 -25.68 -17.17
C ALA A 170 -0.14 -26.44 -15.95
N GLY A 171 -0.29 -25.86 -14.78
CA GLY A 171 0.17 -26.57 -13.60
C GLY A 171 -0.12 -25.81 -12.33
N VAL A 172 0.23 -26.40 -11.20
CA VAL A 172 0.00 -25.76 -9.91
C VAL A 172 1.16 -26.14 -9.00
N SER A 173 1.67 -25.16 -8.28
CA SER A 173 2.77 -25.38 -7.36
C SER A 173 2.32 -24.87 -6.00
N VAL A 174 3.02 -25.30 -4.96
CA VAL A 174 2.69 -24.84 -3.63
C VAL A 174 3.96 -24.37 -2.97
N VAL A 175 3.89 -23.22 -2.33
N VAL A 175 3.90 -23.20 -2.33
CA VAL A 175 5.02 -22.67 -1.62
CA VAL A 175 5.07 -22.67 -1.63
C VAL A 175 4.66 -22.73 -0.15
C VAL A 175 4.73 -22.65 -0.14
N MET A 176 5.54 -23.34 0.65
CA MET A 176 5.30 -23.44 2.07
C MET A 176 6.31 -22.59 2.81
N ALA A 177 5.82 -21.79 3.75
CA ALA A 177 6.68 -20.92 4.53
C ALA A 177 7.36 -21.78 5.59
N GLN A 178 8.37 -21.20 6.23
CA GLN A 178 9.10 -21.89 7.29
C GLN A 178 8.27 -21.82 8.56
N LYS A 185 2.25 -16.36 12.24
CA LYS A 185 2.14 -16.41 10.79
C LYS A 185 2.03 -15.00 10.22
N ARG A 186 2.91 -14.65 9.29
CA ARG A 186 2.89 -13.33 8.67
C ARG A 186 2.46 -13.38 7.21
N TRP A 187 1.51 -12.52 6.85
CA TRP A 187 1.01 -12.44 5.48
C TRP A 187 1.19 -11.04 4.92
N SER A 188 2.20 -10.34 5.44
CA SER A 188 2.49 -8.99 4.98
C SER A 188 2.81 -8.94 3.49
N GLU A 189 3.61 -9.88 3.03
CA GLU A 189 3.99 -9.91 1.62
C GLU A 189 2.79 -10.08 0.70
N TRP A 190 1.83 -10.88 1.13
CA TRP A 190 0.61 -11.18 0.37
C TRP A 190 -0.12 -9.95 -0.15
N ALA A 191 -0.19 -8.92 0.67
CA ALA A 191 -0.90 -7.69 0.32
C ALA A 191 -0.01 -6.67 -0.41
N SER A 192 1.29 -6.93 -0.46
CA SER A 192 2.21 -6.01 -1.09
C SER A 192 2.88 -6.58 -2.32
N GLY A 193 3.77 -5.77 -2.89
CA GLY A 193 4.49 -6.21 -4.08
C GLY A 193 5.37 -7.42 -3.79
N LYS A 194 5.70 -7.61 -2.53
CA LYS A 194 6.56 -8.74 -2.16
C LYS A 194 5.87 -10.10 -2.36
N VAL A 195 4.58 -10.10 -2.66
CA VAL A 195 3.89 -11.37 -2.86
C VAL A 195 4.62 -12.10 -4.00
N LEU A 196 5.18 -11.33 -4.92
CA LEU A 196 5.90 -11.90 -6.06
C LEU A 196 7.17 -12.62 -5.60
N CYS A 197 7.71 -12.18 -4.48
CA CYS A 197 8.92 -12.79 -3.92
C CYS A 197 8.68 -14.22 -3.45
N LEU A 198 7.40 -14.57 -3.28
CA LEU A 198 7.03 -15.91 -2.83
C LEU A 198 6.95 -16.90 -3.97
N LEU A 199 6.99 -16.40 -5.20
CA LEU A 199 6.83 -17.23 -6.38
C LEU A 199 8.10 -17.45 -7.19
N ASP A 200 8.62 -18.67 -7.13
CA ASP A 200 9.83 -19.04 -7.86
C ASP A 200 9.81 -18.55 -9.30
N PRO A 201 8.69 -18.77 -10.02
CA PRO A 201 8.60 -18.32 -11.41
C PRO A 201 8.89 -16.83 -11.58
N LEU A 202 8.71 -16.07 -10.51
CA LEU A 202 8.93 -14.62 -10.54
C LEU A 202 10.27 -14.18 -9.96
N ASP A 203 11.19 -15.11 -9.74
CA ASP A 203 12.47 -14.73 -9.17
C ASP A 203 13.18 -13.62 -9.95
N GLY A 204 13.48 -12.52 -9.25
CA GLY A 204 14.16 -11.42 -9.91
C GLY A 204 13.25 -10.29 -10.35
N VAL A 205 11.96 -10.56 -10.52
CA VAL A 205 11.03 -9.53 -10.96
C VAL A 205 10.89 -8.43 -9.93
N TYR A 206 10.77 -8.80 -8.66
CA TYR A 206 10.63 -7.79 -7.61
C TYR A 206 11.91 -6.95 -7.51
N ASN A 207 13.07 -7.60 -7.52
CA ASN A 207 14.33 -6.86 -7.42
C ASN A 207 14.44 -5.81 -8.52
N TYR A 208 14.10 -6.20 -9.74
CA TYR A 208 14.19 -5.30 -10.89
C TYR A 208 13.18 -4.16 -10.84
N LEU A 209 11.91 -4.48 -10.59
CA LEU A 209 10.85 -3.48 -10.56
C LEU A 209 10.80 -2.59 -9.32
N ALA A 210 11.11 -3.17 -8.17
CA ALA A 210 11.10 -2.40 -6.92
C ALA A 210 12.48 -1.79 -6.72
N GLN A 211 13.45 -2.25 -7.52
CA GLN A 211 14.83 -1.79 -7.46
C GLN A 211 15.41 -2.00 -6.06
N GLN A 212 15.02 -3.10 -5.43
CA GLN A 212 15.47 -3.46 -4.10
C GLN A 212 15.29 -4.96 -3.91
N ARG A 213 16.12 -5.54 -3.03
CA ARG A 213 16.03 -6.97 -2.75
C ARG A 213 14.72 -7.26 -2.04
N CYS A 214 14.26 -8.51 -2.14
CA CYS A 214 13.01 -8.90 -1.49
C CYS A 214 13.14 -8.72 0.00
N ASN A 215 14.32 -9.03 0.53
N ASN A 215 14.33 -9.03 0.53
CA ASN A 215 14.59 -8.89 1.95
CA ASN A 215 14.59 -8.89 1.96
C ASN A 215 13.43 -9.42 2.79
C ASN A 215 13.42 -9.43 2.78
N LEU A 216 13.03 -10.66 2.49
CA LEU A 216 11.92 -11.28 3.21
C LEU A 216 12.31 -11.63 4.64
N ASP A 217 11.33 -11.63 5.53
CA ASP A 217 11.57 -12.01 6.90
C ASP A 217 11.70 -13.53 6.90
N ASP A 218 12.30 -14.07 7.95
CA ASP A 218 12.53 -15.51 8.08
C ASP A 218 11.45 -16.44 7.53
N THR A 219 10.20 -16.17 7.90
CA THR A 219 9.05 -16.97 7.47
C THR A 219 9.07 -17.40 6.00
N TRP A 220 9.05 -16.42 5.11
CA TRP A 220 9.06 -16.74 3.68
C TRP A 220 10.45 -16.80 3.09
N GLU A 221 11.43 -16.33 3.86
N GLU A 221 11.43 -16.32 3.85
CA GLU A 221 12.82 -16.36 3.41
CA GLU A 221 12.81 -16.37 3.38
C GLU A 221 13.23 -17.82 3.29
C GLU A 221 13.19 -17.85 3.26
N GLY A 222 12.72 -18.66 4.20
CA GLY A 222 13.04 -20.07 4.19
C GLY A 222 11.95 -20.94 3.59
N LYS A 223 11.26 -20.39 2.61
CA LYS A 223 10.18 -21.12 1.94
C LYS A 223 10.73 -22.27 1.10
N ILE A 224 9.89 -23.27 0.87
CA ILE A 224 10.24 -24.40 0.02
C ILE A 224 9.07 -24.56 -0.96
N TYR A 225 9.37 -24.81 -2.22
CA TYR A 225 8.32 -24.93 -3.22
C TYR A 225 8.32 -26.26 -3.93
N ARG A 226 7.13 -26.72 -4.29
CA ARG A 226 6.98 -28.02 -4.95
C ARG A 226 5.93 -27.88 -6.03
N VAL A 227 6.15 -28.54 -7.17
CA VAL A 227 5.15 -28.53 -8.22
C VAL A 227 4.22 -29.66 -7.81
N LEU A 228 2.92 -29.38 -7.69
CA LEU A 228 1.97 -30.41 -7.31
C LEU A 228 1.36 -31.12 -8.51
N ALA A 229 1.18 -30.39 -9.60
CA ALA A 229 0.60 -30.97 -10.82
C ALA A 229 0.97 -30.15 -12.04
N GLY A 230 0.93 -30.80 -13.21
CA GLY A 230 1.25 -30.09 -14.43
C GLY A 230 2.72 -29.70 -14.51
N ASN A 231 2.99 -28.66 -15.28
CA ASN A 231 4.36 -28.20 -15.48
C ASN A 231 4.38 -26.69 -15.64
N PRO A 232 4.31 -25.96 -14.52
CA PRO A 232 4.31 -24.49 -14.55
C PRO A 232 5.49 -23.93 -15.31
N ALA A 233 5.24 -22.84 -16.02
CA ALA A 233 6.27 -22.17 -16.78
C ALA A 233 7.09 -21.23 -15.91
N LYS A 234 8.34 -21.04 -16.31
CA LYS A 234 9.27 -20.13 -15.66
C LYS A 234 9.85 -19.37 -16.84
N HIS A 235 9.30 -18.19 -17.10
CA HIS A 235 9.72 -17.38 -18.23
C HIS A 235 10.91 -16.49 -17.97
N ASP A 236 11.77 -16.37 -18.97
CA ASP A 236 12.93 -15.49 -18.87
C ASP A 236 12.31 -14.10 -18.93
N LEU A 237 12.93 -13.12 -18.29
CA LEU A 237 12.38 -11.78 -18.27
C LEU A 237 12.83 -10.85 -19.37
N ASP A 238 11.95 -9.91 -19.70
CA ASP A 238 12.20 -8.86 -20.70
C ASP A 238 11.05 -7.91 -20.45
N ILE A 239 10.70 -7.75 -19.19
N ILE A 239 10.71 -7.74 -19.19
CA ILE A 239 9.60 -6.90 -18.78
CA ILE A 239 9.60 -6.91 -18.76
C ILE A 239 9.86 -5.41 -18.88
C ILE A 239 9.86 -5.40 -18.86
N LYS A 240 8.81 -4.67 -19.22
CA LYS A 240 8.87 -3.22 -19.33
C LYS A 240 8.98 -2.68 -17.91
N PRO A 241 9.88 -1.71 -17.68
CA PRO A 241 10.09 -1.11 -16.36
C PRO A 241 8.86 -0.39 -15.81
N THR A 242 7.88 -1.16 -15.36
CA THR A 242 6.66 -0.60 -14.78
C THR A 242 6.56 -1.08 -13.35
N VAL A 243 6.25 -0.18 -12.41
CA VAL A 243 6.18 -0.58 -11.02
C VAL A 243 5.08 -1.63 -10.78
N ILE A 244 5.35 -2.51 -9.84
CA ILE A 244 4.40 -3.56 -9.47
C ILE A 244 3.21 -2.81 -8.89
N SER A 245 2.02 -3.23 -9.25
CA SER A 245 0.82 -2.57 -8.72
C SER A 245 -0.21 -3.60 -8.33
N HIS A 246 -1.07 -3.21 -7.41
CA HIS A 246 -2.20 -4.04 -6.96
C HIS A 246 -3.43 -3.19 -7.28
N ARG A 247 -4.57 -3.84 -7.49
CA ARG A 247 -5.81 -3.09 -7.67
C ARG A 247 -6.89 -3.81 -6.87
N LEU A 248 -7.67 -3.06 -6.09
CA LEU A 248 -8.73 -3.64 -5.28
C LEU A 248 -10.03 -2.90 -5.56
N HIS A 249 -11.06 -3.65 -5.95
CA HIS A 249 -12.36 -3.10 -6.27
C HIS A 249 -13.30 -3.38 -5.11
N PHE A 250 -14.10 -2.37 -4.77
CA PHE A 250 -15.09 -2.42 -3.68
C PHE A 250 -16.48 -2.42 -4.37
N PRO A 251 -17.08 -3.61 -4.54
CA PRO A 251 -18.40 -3.70 -5.19
C PRO A 251 -19.49 -2.83 -4.57
N GLU A 252 -19.45 -2.68 -3.26
CA GLU A 252 -20.44 -1.87 -2.56
C GLU A 252 -19.89 -0.49 -2.15
N GLY A 253 -18.78 -0.08 -2.77
CA GLY A 253 -18.20 1.20 -2.45
C GLY A 253 -17.49 1.25 -1.09
N GLY A 254 -17.13 2.46 -0.67
CA GLY A 254 -16.46 2.66 0.62
C GLY A 254 -14.96 2.48 0.60
N SER A 255 -14.38 2.61 -0.58
CA SER A 255 -12.94 2.47 -0.76
C SER A 255 -12.11 3.54 -0.06
N LEU A 256 -12.56 4.80 -0.13
CA LEU A 256 -11.82 5.87 0.52
C LEU A 256 -11.76 5.64 2.03
N ALA A 257 -12.87 5.16 2.57
CA ALA A 257 -12.96 4.88 4.00
C ALA A 257 -12.00 3.74 4.36
N ALA A 258 -11.96 2.70 3.54
CA ALA A 258 -11.08 1.57 3.81
C ALA A 258 -9.62 1.98 3.64
N LEU A 259 -9.32 2.78 2.61
CA LEU A 259 -7.95 3.22 2.37
C LEU A 259 -7.47 4.03 3.55
N THR A 260 -8.32 4.93 4.03
CA THR A 260 -7.95 5.78 5.16
C THR A 260 -7.70 4.94 6.42
N ALA A 261 -8.58 3.98 6.69
CA ALA A 261 -8.40 3.10 7.84
C ALA A 261 -7.08 2.32 7.73
N HIS A 262 -6.81 1.81 6.54
CA HIS A 262 -5.59 1.06 6.31
C HIS A 262 -4.35 1.93 6.57
N GLN A 263 -4.34 3.15 6.05
CA GLN A 263 -3.16 4.01 6.22
C GLN A 263 -3.02 4.63 7.59
N ALA A 264 -4.13 5.02 8.19
CA ALA A 264 -4.07 5.64 9.49
C ALA A 264 -3.78 4.65 10.61
N CYS A 265 -4.24 3.42 10.45
CA CYS A 265 -4.09 2.40 11.47
C CYS A 265 -3.00 1.37 11.25
N HIS A 266 -2.53 1.28 10.01
CA HIS A 266 -1.56 0.29 9.61
C HIS A 266 -2.25 -1.07 9.75
N LEU A 267 -3.20 -1.28 8.85
CA LEU A 267 -3.99 -2.52 8.81
C LEU A 267 -4.11 -2.82 7.32
N PRO A 268 -3.99 -4.10 6.93
CA PRO A 268 -4.09 -4.39 5.51
C PRO A 268 -5.40 -3.87 4.91
N LEU A 269 -5.31 -3.37 3.69
CA LEU A 269 -6.46 -2.83 3.00
C LEU A 269 -7.55 -3.88 2.85
N GLU A 270 -7.12 -5.08 2.45
CA GLU A 270 -8.05 -6.17 2.21
C GLU A 270 -8.80 -6.63 3.44
N THR A 271 -8.42 -6.14 4.61
CA THR A 271 -9.14 -6.51 5.83
C THR A 271 -10.57 -5.99 5.71
N PHE A 272 -10.69 -4.83 5.10
CA PHE A 272 -11.98 -4.16 4.94
C PHE A 272 -12.87 -4.69 3.84
N THR A 273 -12.34 -5.58 3.02
CA THR A 273 -13.14 -6.20 1.95
C THR A 273 -13.45 -7.66 2.28
N ARG A 274 -13.09 -8.08 3.50
CA ARG A 274 -13.32 -9.46 3.93
C ARG A 274 -14.78 -9.86 3.97
N HIS A 275 -15.04 -11.11 3.62
CA HIS A 275 -16.37 -11.68 3.60
C HIS A 275 -16.92 -11.67 5.03
N ARG A 276 -16.05 -11.97 5.98
CA ARG A 276 -16.41 -12.02 7.40
C ARG A 276 -15.46 -11.13 8.20
N GLN A 277 -16.01 -10.26 9.04
CA GLN A 277 -15.17 -9.36 9.83
C GLN A 277 -14.34 -10.13 10.85
N PRO A 278 -13.08 -9.74 11.03
CA PRO A 278 -12.24 -10.44 12.02
C PRO A 278 -12.80 -10.05 13.39
N ARG A 279 -12.71 -10.96 14.36
CA ARG A 279 -13.21 -10.68 15.71
C ARG A 279 -12.05 -10.54 16.70
N GLY A 280 -12.22 -9.67 17.70
CA GLY A 280 -11.20 -9.48 18.72
C GLY A 280 -9.93 -8.72 18.36
N TRP A 281 -9.78 -8.34 17.10
CA TRP A 281 -8.61 -7.59 16.64
C TRP A 281 -8.63 -6.22 17.30
N GLU A 282 -7.79 -6.01 18.31
CA GLU A 282 -7.78 -4.74 19.03
C GLU A 282 -7.58 -3.51 18.14
N GLN A 283 -6.52 -3.49 17.35
CA GLN A 283 -6.26 -2.34 16.49
C GLN A 283 -7.39 -2.15 15.47
N LEU A 284 -8.03 -3.24 15.05
CA LEU A 284 -9.13 -3.13 14.10
C LEU A 284 -10.37 -2.55 14.80
N GLU A 285 -10.60 -2.96 16.04
CA GLU A 285 -11.74 -2.48 16.80
C GLU A 285 -11.57 -1.03 17.32
N GLN A 286 -10.35 -0.67 17.69
CA GLN A 286 -10.10 0.67 18.22
C GLN A 286 -9.76 1.73 17.18
N CYS A 287 -9.09 1.33 16.11
CA CYS A 287 -8.70 2.27 15.07
C CYS A 287 -9.36 2.02 13.71
N GLY A 288 -9.17 0.82 13.18
CA GLY A 288 -9.70 0.44 11.89
C GLY A 288 -11.17 0.73 11.60
N TYR A 289 -12.07 0.04 12.30
CA TYR A 289 -13.49 0.27 12.04
C TYR A 289 -13.92 1.69 12.40
N PRO A 290 -13.38 2.24 13.52
CA PRO A 290 -13.79 3.61 13.85
C PRO A 290 -13.42 4.61 12.75
N VAL A 291 -12.22 4.46 12.20
CA VAL A 291 -11.79 5.38 11.16
C VAL A 291 -12.60 5.17 9.88
N GLN A 292 -12.87 3.90 9.57
CA GLN A 292 -13.66 3.59 8.38
C GLN A 292 -15.03 4.24 8.53
N ARG A 293 -15.63 4.11 9.72
CA ARG A 293 -16.95 4.68 10.00
C ARG A 293 -16.94 6.20 9.93
N LEU A 294 -15.87 6.80 10.42
CA LEU A 294 -15.76 8.25 10.42
C LEU A 294 -15.74 8.82 9.00
N VAL A 295 -15.00 8.17 8.10
CA VAL A 295 -14.95 8.65 6.73
C VAL A 295 -16.30 8.44 6.07
N ALA A 296 -16.91 7.29 6.33
CA ALA A 296 -18.21 6.96 5.77
C ALA A 296 -19.23 8.04 6.19
N LEU A 297 -19.21 8.40 7.47
CA LEU A 297 -20.12 9.42 8.00
C LEU A 297 -19.91 10.79 7.35
N TYR A 298 -18.65 11.17 7.15
CA TYR A 298 -18.35 12.46 6.54
C TYR A 298 -18.86 12.53 5.10
N LEU A 299 -18.68 11.46 4.35
CA LEU A 299 -19.14 11.43 2.97
C LEU A 299 -20.65 11.50 2.86
N ALA A 300 -21.35 10.84 3.77
CA ALA A 300 -22.81 10.84 3.75
C ALA A 300 -23.39 12.22 4.02
N ALA A 301 -22.73 12.99 4.88
CA ALA A 301 -23.19 14.33 5.23
C ALA A 301 -23.03 15.27 4.06
N ARG A 302 -22.50 14.77 2.96
CA ARG A 302 -22.28 15.57 1.76
C ARG A 302 -21.54 16.87 2.04
N LEU A 303 -20.46 16.77 2.81
CA LEU A 303 -19.64 17.92 3.16
C LEU A 303 -18.41 17.88 2.25
N SER A 304 -18.03 19.02 1.68
CA SER A 304 -16.85 19.05 0.83
C SER A 304 -15.63 18.89 1.73
N TRP A 305 -14.71 18.00 1.36
CA TRP A 305 -13.53 17.76 2.17
C TRP A 305 -12.74 19.01 2.55
N ASN A 306 -12.93 20.11 1.81
CA ASN A 306 -12.21 21.34 2.10
C ASN A 306 -12.63 22.00 3.42
N GLN A 307 -13.67 21.47 4.05
CA GLN A 307 -14.16 22.02 5.32
C GLN A 307 -13.88 21.10 6.48
N VAL A 308 -12.97 20.14 6.31
CA VAL A 308 -12.70 19.21 7.39
C VAL A 308 -12.32 19.89 8.70
N ASP A 309 -11.45 20.89 8.63
CA ASP A 309 -11.02 21.59 9.83
C ASP A 309 -12.16 22.24 10.59
N GLN A 310 -13.06 22.90 9.86
CA GLN A 310 -14.19 23.57 10.50
C GLN A 310 -15.19 22.54 11.01
N VAL A 311 -15.37 21.46 10.25
CA VAL A 311 -16.27 20.40 10.65
C VAL A 311 -15.77 19.83 11.97
N ILE A 312 -14.47 19.69 12.11
CA ILE A 312 -13.94 19.16 13.36
C ILE A 312 -14.07 20.19 14.47
N ARG A 313 -13.73 21.44 14.18
CA ARG A 313 -13.83 22.49 15.20
C ARG A 313 -15.25 22.59 15.73
N ASN A 314 -16.24 22.59 14.83
CA ASN A 314 -17.64 22.69 15.25
C ASN A 314 -18.09 21.50 16.10
N ALA A 315 -17.64 20.30 15.73
CA ALA A 315 -18.01 19.10 16.47
C ALA A 315 -17.44 19.12 17.88
N LEU A 316 -16.23 19.63 18.03
CA LEU A 316 -15.58 19.70 19.32
C LEU A 316 -16.09 20.92 20.13
N ALA A 317 -16.50 21.97 19.43
CA ALA A 317 -16.97 23.18 20.10
C ALA A 317 -18.29 23.01 20.86
N SER A 318 -19.25 22.31 20.26
CA SER A 318 -20.54 22.12 20.91
C SER A 318 -20.96 20.65 20.98
N PRO A 319 -20.96 20.07 22.18
CA PRO A 319 -21.36 18.66 22.32
C PRO A 319 -22.81 18.44 21.86
N GLY A 320 -23.06 17.30 21.24
CA GLY A 320 -24.39 16.99 20.74
C GLY A 320 -24.68 17.60 19.39
N SER A 321 -23.72 18.31 18.82
CA SER A 321 -23.90 18.94 17.52
C SER A 321 -23.26 18.11 16.41
N GLY A 322 -23.57 18.46 15.17
CA GLY A 322 -23.00 17.76 14.03
C GLY A 322 -23.57 16.39 13.76
N GLY A 323 -24.56 15.98 14.53
CA GLY A 323 -25.17 14.68 14.34
C GLY A 323 -24.17 13.56 14.50
N ASP A 324 -24.48 12.40 13.92
CA ASP A 324 -23.61 11.23 14.01
C ASP A 324 -22.13 11.53 13.72
N LEU A 325 -21.87 12.33 12.69
CA LEU A 325 -20.49 12.67 12.34
C LEU A 325 -19.84 13.42 13.49
N GLY A 326 -20.56 14.39 14.03
CA GLY A 326 -20.04 15.18 15.12
C GLY A 326 -19.70 14.35 16.34
N GLU A 327 -20.51 13.33 16.63
CA GLU A 327 -20.28 12.47 17.78
C GLU A 327 -19.08 11.55 17.57
N ALA A 328 -18.94 11.03 16.35
CA ALA A 328 -17.82 10.14 16.03
C ALA A 328 -16.51 10.91 16.24
N ILE A 329 -16.53 12.18 15.86
CA ILE A 329 -15.35 13.05 15.98
C ILE A 329 -15.02 13.27 17.46
N ARG A 330 -16.03 13.64 18.24
CA ARG A 330 -15.81 13.89 19.65
C ARG A 330 -15.28 12.68 20.42
N GLU A 331 -15.64 11.48 19.97
CA GLU A 331 -15.20 10.26 20.64
C GLU A 331 -13.69 10.05 20.62
N GLN A 332 -13.03 10.47 19.55
CA GLN A 332 -11.58 10.35 19.41
C GLN A 332 -11.11 11.48 18.50
N PRO A 333 -10.95 12.68 19.06
CA PRO A 333 -10.51 13.89 18.37
C PRO A 333 -9.29 13.77 17.47
N GLU A 334 -8.18 13.30 18.02
CA GLU A 334 -6.94 13.17 17.26
C GLU A 334 -7.05 12.14 16.15
N GLN A 335 -7.68 11.01 16.44
CA GLN A 335 -7.83 9.97 15.43
C GLN A 335 -8.70 10.54 14.32
N ALA A 336 -9.70 11.33 14.71
CA ALA A 336 -10.58 11.95 13.73
C ALA A 336 -9.81 12.93 12.85
N ARG A 337 -8.93 13.74 13.45
CA ARG A 337 -8.13 14.69 12.69
C ARG A 337 -7.25 13.95 11.69
N LEU A 338 -6.58 12.90 12.16
CA LEU A 338 -5.71 12.11 11.28
C LEU A 338 -6.51 11.52 10.11
N ALA A 339 -7.56 10.78 10.44
CA ALA A 339 -8.38 10.13 9.41
C ALA A 339 -8.99 11.09 8.39
N LEU A 340 -9.68 12.11 8.87
CA LEU A 340 -10.34 13.02 7.95
C LEU A 340 -9.40 13.84 7.08
N THR A 341 -8.24 14.22 7.62
CA THR A 341 -7.30 15.00 6.84
C THR A 341 -6.61 14.11 5.81
N LEU A 342 -6.43 12.84 6.12
N LEU A 342 -6.44 12.85 6.14
CA LEU A 342 -5.81 11.93 5.17
CA LEU A 342 -5.84 11.90 5.20
C LEU A 342 -6.80 11.68 4.03
C LEU A 342 -6.81 11.74 4.04
N ALA A 343 -8.06 11.45 4.38
CA ALA A 343 -9.08 11.21 3.38
C ALA A 343 -9.25 12.44 2.49
N ALA A 344 -9.27 13.62 3.11
CA ALA A 344 -9.39 14.87 2.37
C ALA A 344 -8.30 15.06 1.33
N ALA A 345 -7.05 14.79 1.72
CA ALA A 345 -5.95 14.95 0.80
C ALA A 345 -6.05 13.99 -0.38
N GLU A 346 -6.49 12.76 -0.11
CA GLU A 346 -6.61 11.75 -1.18
C GLU A 346 -7.75 12.07 -2.11
N SER A 347 -8.88 12.52 -1.57
CA SER A 347 -10.01 12.86 -2.43
C SER A 347 -9.63 14.03 -3.34
N GLU A 348 -8.89 14.98 -2.79
CA GLU A 348 -8.48 16.15 -3.57
C GLU A 348 -7.55 15.73 -4.71
N ARG A 349 -6.64 14.79 -4.44
CA ARG A 349 -5.73 14.34 -5.48
C ARG A 349 -6.54 13.62 -6.53
N PHE A 350 -7.48 12.79 -6.09
CA PHE A 350 -8.32 12.04 -7.02
C PHE A 350 -9.08 12.96 -7.97
N VAL A 351 -9.74 13.96 -7.40
CA VAL A 351 -10.52 14.90 -8.19
C VAL A 351 -9.66 15.64 -9.21
N ARG A 352 -8.44 16.00 -8.83
CA ARG A 352 -7.53 16.72 -9.72
C ARG A 352 -6.85 15.81 -10.73
N GLN A 353 -7.08 14.50 -10.62
CA GLN A 353 -6.46 13.55 -11.52
C GLN A 353 -6.99 13.70 -12.94
N GLY A 354 -8.30 13.66 -13.10
CA GLY A 354 -8.89 13.79 -14.42
C GLY A 354 -10.20 14.54 -14.41
N THR A 355 -10.70 14.87 -15.60
CA THR A 355 -11.95 15.59 -15.75
C THR A 355 -13.13 14.75 -15.29
N GLY A 356 -13.02 13.43 -15.49
CA GLY A 356 -14.08 12.53 -15.11
C GLY A 356 -14.17 12.17 -13.64
N ASN A 357 -13.20 12.61 -12.84
CA ASN A 357 -13.19 12.31 -11.41
C ASN A 357 -13.82 13.44 -10.58
N ASP A 358 -14.65 13.07 -9.61
CA ASP A 358 -15.27 14.06 -8.72
C ASP A 358 -15.29 13.55 -7.28
N GLU A 359 -15.55 14.46 -6.35
CA GLU A 359 -15.57 14.13 -4.94
C GLU A 359 -16.47 12.93 -4.63
N ALA A 360 -17.63 12.86 -5.27
CA ALA A 360 -18.54 11.75 -5.05
C ALA A 360 -17.93 10.42 -5.45
N GLY A 361 -17.22 10.42 -6.58
CA GLY A 361 -16.59 9.20 -7.07
C GLY A 361 -15.41 8.72 -6.24
N ALA A 362 -14.73 9.65 -5.56
CA ALA A 362 -13.57 9.26 -4.75
C ALA A 362 -13.99 8.30 -3.62
N ALA A 363 -15.24 8.40 -3.19
CA ALA A 363 -15.70 7.53 -2.12
C ALA A 363 -15.77 6.05 -2.50
N ASN A 364 -15.88 5.76 -3.80
CA ASN A 364 -16.03 4.38 -4.22
C ASN A 364 -15.07 3.86 -5.26
N ALA A 365 -14.15 4.71 -5.70
CA ALA A 365 -13.16 4.33 -6.72
C ALA A 365 -12.26 3.19 -6.25
N ASP A 366 -11.79 2.35 -7.19
CA ASP A 366 -10.90 1.24 -6.83
C ASP A 366 -9.65 1.81 -6.19
N VAL A 367 -8.91 1.00 -5.44
CA VAL A 367 -7.66 1.45 -4.85
C VAL A 367 -6.53 0.76 -5.62
N VAL A 368 -5.59 1.56 -6.11
CA VAL A 368 -4.43 1.04 -6.81
C VAL A 368 -3.25 1.32 -5.90
N SER A 369 -2.49 0.27 -5.57
CA SER A 369 -1.36 0.38 -4.67
C SER A 369 -0.09 0.04 -5.44
N LEU A 370 0.86 0.97 -5.39
CA LEU A 370 2.11 0.83 -6.11
C LEU A 370 3.30 0.53 -5.23
N THR A 371 4.18 -0.31 -5.75
CA THR A 371 5.42 -0.69 -5.07
C THR A 371 6.43 0.24 -5.73
N CYS A 372 6.80 1.29 -5.00
CA CYS A 372 7.65 2.35 -5.54
C CYS A 372 9.14 2.38 -5.26
N PRO A 373 9.97 2.52 -6.32
CA PRO A 373 11.42 2.57 -6.14
C PRO A 373 11.70 3.92 -5.49
N VAL A 374 12.61 3.96 -4.51
CA VAL A 374 12.90 5.21 -3.82
C VAL A 374 13.86 6.15 -4.55
N ALA A 375 14.59 5.64 -5.53
CA ALA A 375 15.55 6.48 -6.23
C ALA A 375 15.04 7.10 -7.52
N ALA A 376 13.96 6.56 -8.04
CA ALA A 376 13.39 7.05 -9.28
C ALA A 376 12.73 8.42 -9.10
N GLY A 377 12.12 8.91 -10.16
CA GLY A 377 11.42 10.17 -10.09
C GLY A 377 10.13 9.86 -9.37
N GLU A 378 9.06 10.59 -9.67
CA GLU A 378 7.79 10.32 -9.02
C GLU A 378 7.22 8.98 -9.44
N CYS A 379 6.51 8.34 -8.52
CA CYS A 379 5.93 7.03 -8.75
C CYS A 379 4.57 7.17 -9.40
N ALA A 380 4.48 6.80 -10.68
CA ALA A 380 3.23 6.91 -11.40
C ALA A 380 2.55 5.57 -11.58
N GLY A 381 1.22 5.56 -11.49
CA GLY A 381 0.48 4.33 -11.67
C GLY A 381 0.27 4.04 -13.14
N PRO A 382 -0.31 2.87 -13.46
CA PRO A 382 -0.56 2.51 -14.86
C PRO A 382 -1.59 3.44 -15.50
N ALA A 383 -1.62 3.43 -16.83
CA ALA A 383 -2.54 4.30 -17.57
C ALA A 383 -4.00 4.20 -17.14
N ASP A 384 -4.44 3.00 -16.76
CA ASP A 384 -5.83 2.76 -16.35
C ASP A 384 -6.12 3.08 -14.90
N SER A 385 -5.14 3.61 -14.18
CA SER A 385 -5.34 3.93 -12.77
C SER A 385 -5.81 5.36 -12.54
N GLY A 386 -6.05 6.10 -13.61
CA GLY A 386 -6.51 7.47 -13.49
C GLY A 386 -7.84 7.62 -12.77
N ASP A 387 -8.65 6.56 -12.77
CA ASP A 387 -9.94 6.60 -12.12
C ASP A 387 -9.94 5.90 -10.78
N ALA A 388 -8.75 5.74 -10.20
CA ALA A 388 -8.61 5.07 -8.92
C ALA A 388 -7.96 5.93 -7.84
N LEU A 389 -8.16 5.51 -6.59
CA LEU A 389 -7.49 6.16 -5.46
C LEU A 389 -6.10 5.55 -5.59
N LEU A 390 -5.06 6.30 -5.26
CA LEU A 390 -3.69 5.79 -5.41
C LEU A 390 -2.95 5.75 -4.10
N GLU A 391 -2.12 4.72 -3.93
CA GLU A 391 -1.29 4.62 -2.74
C GLU A 391 0.11 4.31 -3.26
N ARG A 392 1.10 5.11 -2.87
CA ARG A 392 2.48 4.89 -3.28
C ARG A 392 3.22 4.35 -2.08
N ASN A 393 3.68 3.09 -2.19
CA ASN A 393 4.34 2.43 -1.08
C ASN A 393 5.83 2.31 -1.19
N TYR A 394 6.51 2.71 -0.13
CA TYR A 394 7.97 2.67 -0.02
C TYR A 394 8.30 2.01 1.32
N PRO A 395 9.58 1.69 1.56
CA PRO A 395 9.95 1.07 2.83
C PRO A 395 9.56 2.05 3.95
N THR A 396 9.07 1.51 5.08
CA THR A 396 8.69 2.36 6.21
C THR A 396 9.48 1.98 7.44
N GLY A 397 9.23 2.70 8.52
CA GLY A 397 9.92 2.47 9.78
C GLY A 397 9.70 1.05 10.26
N ALA A 398 8.59 0.44 9.86
CA ALA A 398 8.31 -0.93 10.30
C ALA A 398 9.43 -1.91 9.95
N GLU A 399 10.19 -1.61 8.91
CA GLU A 399 11.27 -2.46 8.43
C GLU A 399 12.62 -2.16 9.07
N PHE A 400 12.68 -1.06 9.81
CA PHE A 400 13.94 -0.59 10.39
C PHE A 400 13.91 -0.41 11.89
N LEU A 401 13.21 -1.29 12.60
CA LEU A 401 13.13 -1.17 14.05
C LEU A 401 14.16 -2.04 14.74
N GLY A 402 14.63 -3.05 14.01
CA GLY A 402 15.63 -3.95 14.58
C GLY A 402 15.01 -4.94 15.54
N ASP A 403 15.85 -5.55 16.36
CA ASP A 403 15.37 -6.53 17.32
C ASP A 403 15.03 -5.88 18.65
N GLY A 404 14.15 -6.50 19.41
CA GLY A 404 13.79 -5.95 20.70
C GLY A 404 12.33 -6.06 21.08
N GLY A 405 11.53 -6.68 20.21
CA GLY A 405 10.12 -6.83 20.50
C GLY A 405 9.24 -5.79 19.82
N ASP A 406 7.93 -5.99 19.93
CA ASP A 406 6.97 -5.07 19.34
C ASP A 406 7.10 -3.64 19.81
N VAL A 407 7.05 -2.73 18.86
CA VAL A 407 7.15 -1.32 19.18
C VAL A 407 5.77 -0.71 18.99
N SER A 408 5.39 0.16 19.91
CA SER A 408 4.11 0.84 19.87
C SER A 408 4.23 2.14 20.65
N PHE A 409 3.29 3.05 20.44
CA PHE A 409 3.31 4.34 21.10
C PHE A 409 2.28 4.43 22.21
N SER A 410 2.71 4.99 23.33
CA SER A 410 1.85 5.13 24.50
C SER A 410 2.20 6.39 25.29
N THR A 411 1.31 6.79 26.20
CA THR A 411 1.58 7.96 27.02
C THR A 411 2.73 7.59 27.96
N ARG A 412 2.90 6.28 28.19
CA ARG A 412 3.95 5.77 29.07
C ARG A 412 5.29 5.73 28.35
N GLY A 413 5.27 6.00 27.05
CA GLY A 413 6.51 5.98 26.29
C GLY A 413 6.43 4.95 25.18
N THR A 414 7.45 4.95 24.32
CA THR A 414 7.51 4.03 23.20
C THR A 414 7.97 2.67 23.68
N GLN A 415 7.13 1.67 23.48
CA GLN A 415 7.47 0.34 23.95
C GLN A 415 8.65 -0.31 23.24
N ASN A 416 9.46 -0.98 24.03
CA ASN A 416 10.63 -1.70 23.56
C ASN A 416 11.55 -0.82 22.75
N TRP A 417 11.64 0.44 23.13
CA TRP A 417 12.53 1.35 22.42
C TRP A 417 13.56 1.94 23.38
N THR A 418 14.82 1.69 23.08
CA THR A 418 15.94 2.16 23.90
C THR A 418 16.96 2.80 22.98
N VAL A 419 17.91 3.52 23.56
CA VAL A 419 18.95 4.16 22.77
C VAL A 419 19.75 3.10 22.03
N GLU A 420 19.99 1.97 22.68
CA GLU A 420 20.71 0.88 22.05
C GLU A 420 19.99 0.41 20.79
N ARG A 421 18.67 0.20 20.90
CA ARG A 421 17.90 -0.26 19.76
C ARG A 421 17.96 0.80 18.66
N LEU A 422 17.84 2.06 19.06
CA LEU A 422 17.89 3.17 18.10
C LEU A 422 19.21 3.18 17.32
N LEU A 423 20.33 2.98 18.02
CA LEU A 423 21.61 3.00 17.33
C LEU A 423 21.71 1.89 16.30
N GLN A 424 21.12 0.74 16.62
CA GLN A 424 21.14 -0.38 15.68
C GLN A 424 20.28 -0.02 14.48
N ALA A 425 19.10 0.52 14.73
CA ALA A 425 18.21 0.91 13.63
C ALA A 425 18.84 1.97 12.75
N HIS A 426 19.55 2.91 13.36
CA HIS A 426 20.22 3.97 12.61
C HIS A 426 21.27 3.36 11.68
N ARG A 427 22.05 2.40 12.19
CA ARG A 427 23.06 1.76 11.37
C ARG A 427 22.42 1.00 10.21
N GLN A 428 21.32 0.30 10.48
CA GLN A 428 20.62 -0.45 9.44
C GLN A 428 20.13 0.54 8.39
N LEU A 429 19.69 1.71 8.85
CA LEU A 429 19.23 2.74 7.91
C LEU A 429 20.38 3.21 7.04
N GLU A 430 21.57 3.40 7.62
CA GLU A 430 22.71 3.81 6.82
C GLU A 430 23.09 2.73 5.81
N GLU A 431 23.03 1.47 6.23
CA GLU A 431 23.36 0.34 5.38
C GLU A 431 22.43 0.26 4.17
N ARG A 432 21.20 0.72 4.35
CA ARG A 432 20.20 0.72 3.28
C ARG A 432 20.17 2.04 2.50
N GLY A 433 21.13 2.91 2.76
CA GLY A 433 21.22 4.16 2.02
C GLY A 433 20.36 5.32 2.48
N TYR A 434 19.95 5.30 3.74
CA TYR A 434 19.13 6.39 4.29
C TYR A 434 19.98 7.32 5.14
N VAL A 435 19.49 8.54 5.27
CA VAL A 435 20.17 9.57 6.04
C VAL A 435 19.16 10.37 6.85
N PHE A 436 19.56 10.72 8.06
CA PHE A 436 18.70 11.46 8.97
C PHE A 436 18.57 12.91 8.52
N VAL A 437 17.34 13.42 8.54
CA VAL A 437 17.11 14.82 8.18
C VAL A 437 16.33 15.61 9.21
N GLY A 438 15.97 14.98 10.34
CA GLY A 438 15.27 15.76 11.33
C GLY A 438 14.23 15.03 12.14
N TYR A 439 13.63 15.78 13.06
CA TYR A 439 12.61 15.27 13.95
C TYR A 439 11.20 15.70 13.58
N HIS A 440 10.24 14.84 13.90
CA HIS A 440 8.83 15.14 13.67
C HIS A 440 8.13 14.76 14.96
N GLY A 441 7.48 15.74 15.58
CA GLY A 441 6.74 15.47 16.81
C GLY A 441 5.27 15.42 16.45
N THR A 442 4.57 14.43 16.99
CA THR A 442 3.15 14.32 16.71
C THR A 442 2.40 13.55 17.78
N PHE A 443 1.10 13.37 17.58
CA PHE A 443 0.30 12.65 18.56
C PHE A 443 0.42 11.16 18.34
N LEU A 444 0.06 10.39 19.36
CA LEU A 444 0.22 8.95 19.31
C LEU A 444 -0.31 8.18 18.10
N GLU A 445 -1.53 8.50 17.66
CA GLU A 445 -2.13 7.81 16.51
C GLU A 445 -1.40 8.11 15.22
N ALA A 446 -0.89 9.33 15.09
CA ALA A 446 -0.18 9.71 13.89
C ALA A 446 1.18 9.03 13.88
N ALA A 447 1.80 8.88 15.04
CA ALA A 447 3.09 8.19 15.14
C ALA A 447 2.95 6.74 14.63
N GLN A 448 1.87 6.07 15.02
CA GLN A 448 1.62 4.69 14.63
C GLN A 448 1.48 4.66 13.11
N SER A 449 0.71 5.58 12.58
CA SER A 449 0.47 5.65 11.15
C SER A 449 1.74 5.88 10.34
N ILE A 450 2.52 6.87 10.78
CA ILE A 450 3.75 7.29 10.11
C ILE A 450 4.86 6.26 10.16
N VAL A 451 5.16 5.76 11.35
CA VAL A 451 6.25 4.79 11.49
C VAL A 451 5.97 3.46 10.79
N PHE A 452 4.78 2.91 11.01
CA PHE A 452 4.42 1.64 10.42
C PHE A 452 3.83 1.68 9.02
N GLY A 453 2.81 2.50 8.83
CA GLY A 453 2.15 2.61 7.54
C GLY A 453 2.87 3.49 6.55
N GLY A 454 3.63 4.44 7.05
CA GLY A 454 4.37 5.37 6.20
C GLY A 454 3.69 6.73 6.18
N VAL A 455 4.47 7.77 5.92
CA VAL A 455 3.95 9.13 5.84
C VAL A 455 2.99 9.29 4.67
N ARG A 456 1.85 9.92 4.92
CA ARG A 456 0.85 10.12 3.88
C ARG A 456 0.39 11.57 3.93
N ALA A 457 0.06 12.11 2.76
CA ALA A 457 -0.43 13.48 2.68
C ALA A 457 -1.71 13.66 3.47
N ARG A 458 -1.83 14.82 4.09
CA ARG A 458 -3.02 15.17 4.88
C ARG A 458 -3.35 16.61 4.53
N SER A 459 -4.64 16.95 4.47
CA SER A 459 -5.01 18.32 4.18
C SER A 459 -4.48 19.18 5.31
N GLN A 460 -4.08 20.40 4.99
CA GLN A 460 -3.54 21.32 5.98
C GLN A 460 -4.12 22.72 5.78
N ASP A 461 -4.36 23.42 6.88
CA ASP A 461 -4.90 24.77 6.79
C ASP A 461 -3.79 25.81 6.59
N LEU A 462 -3.35 25.93 5.35
CA LEU A 462 -2.30 26.87 4.98
C LEU A 462 -2.36 27.03 3.46
N ASP A 463 -1.71 28.05 2.92
CA ASP A 463 -1.72 28.26 1.47
C ASP A 463 -1.17 27.00 0.81
N ALA A 464 -1.80 26.60 -0.29
CA ALA A 464 -1.42 25.40 -1.04
C ALA A 464 0.06 25.26 -1.35
N ILE A 465 0.72 26.38 -1.63
CA ILE A 465 2.14 26.34 -1.97
C ILE A 465 3.04 25.82 -0.85
N TRP A 466 2.56 25.91 0.39
CA TRP A 466 3.35 25.45 1.53
C TRP A 466 2.93 24.09 2.07
N ARG A 467 2.14 23.35 1.29
CA ARG A 467 1.67 22.02 1.69
C ARG A 467 2.86 21.06 1.70
N GLY A 468 2.93 20.21 2.73
CA GLY A 468 4.02 19.25 2.81
C GLY A 468 4.16 18.74 4.22
N PHE A 469 5.16 17.89 4.43
CA PHE A 469 5.40 17.26 5.73
C PHE A 469 6.43 18.11 6.49
N TYR A 470 6.01 18.65 7.62
CA TYR A 470 6.86 19.51 8.43
C TYR A 470 7.68 18.79 9.48
N ILE A 471 8.98 19.03 9.45
CA ILE A 471 9.91 18.44 10.42
C ILE A 471 10.87 19.52 10.89
N ALA A 472 11.70 19.22 11.88
CA ALA A 472 12.66 20.19 12.38
C ALA A 472 13.93 19.49 12.81
N GLY A 473 15.07 20.02 12.38
CA GLY A 473 16.33 19.41 12.75
C GLY A 473 16.53 19.42 14.25
N ASP A 474 16.02 20.45 14.92
CA ASP A 474 16.15 20.58 16.37
C ASP A 474 15.02 19.82 17.08
N PRO A 475 15.38 18.80 17.87
CA PRO A 475 14.30 18.06 18.55
C PRO A 475 13.49 18.93 19.48
N ALA A 476 14.11 19.98 20.00
CA ALA A 476 13.42 20.86 20.93
C ALA A 476 12.27 21.56 20.22
N LEU A 477 12.42 21.85 18.93
CA LEU A 477 11.34 22.49 18.19
C LEU A 477 10.23 21.47 17.90
N ALA A 478 10.62 20.29 17.40
CA ALA A 478 9.65 19.24 17.10
C ALA A 478 8.88 18.81 18.35
N TYR A 479 9.55 18.85 19.50
CA TYR A 479 8.95 18.43 20.76
C TYR A 479 7.64 19.16 21.06
N GLY A 480 7.59 20.43 20.67
CA GLY A 480 6.40 21.24 20.89
C GLY A 480 5.16 20.68 20.23
N TYR A 481 5.34 19.86 19.19
CA TYR A 481 4.21 19.27 18.47
C TYR A 481 3.91 17.83 18.84
N ALA A 482 4.73 17.26 19.73
CA ALA A 482 4.54 15.87 20.12
C ALA A 482 3.52 15.72 21.23
N GLN A 483 2.28 16.06 20.92
CA GLN A 483 1.19 15.99 21.88
C GLN A 483 -0.15 16.20 21.20
N ASP A 484 -1.23 15.92 21.94
CA ASP A 484 -2.57 16.16 21.42
C ASP A 484 -2.70 17.68 21.44
N GLN A 485 -3.65 18.22 20.69
CA GLN A 485 -3.86 19.66 20.68
C GLN A 485 -5.26 20.00 21.18
N GLU A 486 -5.64 19.38 22.29
CA GLU A 486 -6.97 19.61 22.87
C GLU A 486 -7.07 18.92 24.24
N PRO A 487 -7.42 19.68 25.28
CA PRO A 487 -7.56 19.16 26.64
C PRO A 487 -8.56 18.02 26.74
N ASP A 488 -8.73 17.47 27.93
CA ASP A 488 -9.68 16.37 28.14
C ASP A 488 -10.64 16.70 29.27
N ALA A 489 -11.67 15.87 29.43
CA ALA A 489 -12.68 16.05 30.47
C ALA A 489 -12.04 16.15 31.85
N ARG A 490 -10.82 15.62 31.99
CA ARG A 490 -10.12 15.66 33.26
C ARG A 490 -9.01 16.71 33.21
N GLY A 491 -9.12 17.62 32.25
CA GLY A 491 -8.15 18.68 32.10
C GLY A 491 -6.75 18.19 31.78
N ARG A 492 -6.66 17.11 31.00
CA ARG A 492 -5.36 16.56 30.64
C ARG A 492 -5.17 16.33 29.14
N ILE A 493 -4.01 16.75 28.64
CA ILE A 493 -3.66 16.58 27.24
C ILE A 493 -2.66 15.45 27.18
N ARG A 494 -2.91 14.45 26.32
CA ARG A 494 -1.99 13.33 26.21
C ARG A 494 -0.67 13.78 25.60
N ASN A 495 0.42 13.20 26.07
CA ASN A 495 1.72 13.51 25.50
C ASN A 495 1.78 12.68 24.21
N GLY A 496 2.62 13.11 23.27
CA GLY A 496 2.74 12.39 22.01
C GLY A 496 4.07 11.68 21.92
N ALA A 497 4.64 11.67 20.72
CA ALA A 497 5.93 11.02 20.53
C ALA A 497 6.79 11.82 19.57
N LEU A 498 8.11 11.74 19.77
CA LEU A 498 9.07 12.42 18.92
C LEU A 498 9.61 11.33 17.98
N LEU A 499 9.63 11.64 16.69
CA LEU A 499 10.07 10.67 15.69
C LEU A 499 11.28 11.21 14.92
N ARG A 500 12.08 10.28 14.39
CA ARG A 500 13.26 10.60 13.60
C ARG A 500 12.91 10.32 12.15
N VAL A 501 13.15 11.31 11.29
CA VAL A 501 12.84 11.20 9.88
C VAL A 501 14.08 11.00 9.03
N TYR A 502 14.04 9.98 8.18
CA TYR A 502 15.13 9.65 7.30
C TYR A 502 14.66 9.67 5.85
N VAL A 503 15.57 9.93 4.92
CA VAL A 503 15.25 9.90 3.50
C VAL A 503 16.40 9.19 2.80
N PRO A 504 16.18 8.67 1.58
CA PRO A 504 17.31 8.02 0.89
C PRO A 504 18.37 9.10 0.61
N ARG A 505 19.65 8.74 0.69
CA ARG A 505 20.69 9.73 0.42
C ARG A 505 20.53 10.27 -1.00
N SER A 506 20.01 9.43 -1.90
CA SER A 506 19.81 9.84 -3.27
C SER A 506 18.85 11.03 -3.36
N SER A 507 18.10 11.30 -2.29
CA SER A 507 17.16 12.41 -2.27
C SER A 507 17.79 13.73 -1.83
N LEU A 508 19.00 13.68 -1.31
CA LEU A 508 19.65 14.87 -0.80
C LEU A 508 19.81 16.03 -1.77
N PRO A 509 20.06 15.74 -3.05
CA PRO A 509 20.21 16.86 -3.98
C PRO A 509 18.94 17.73 -4.09
N GLY A 510 17.82 17.21 -3.60
CA GLY A 510 16.56 17.94 -3.65
C GLY A 510 16.28 18.73 -2.39
N PHE A 511 17.25 18.75 -1.47
CA PHE A 511 17.08 19.49 -0.23
C PHE A 511 17.78 20.84 -0.33
N TYR A 512 17.00 21.90 -0.20
CA TYR A 512 17.52 23.25 -0.30
C TYR A 512 17.36 24.02 1.00
N ARG A 513 18.13 25.09 1.14
CA ARG A 513 18.04 25.92 2.33
C ARG A 513 18.03 27.37 1.94
N THR A 514 17.43 28.18 2.81
CA THR A 514 17.36 29.61 2.61
C THR A 514 17.50 30.23 4.00
N SER A 515 18.11 31.41 4.06
CA SER A 515 18.28 32.09 5.36
C SER A 515 17.07 32.97 5.55
N LEU A 516 16.22 32.98 4.53
CA LEU A 516 15.01 33.77 4.53
C LEU A 516 13.93 33.06 5.33
N THR A 517 13.35 33.74 6.30
CA THR A 517 12.30 33.12 7.09
C THR A 517 11.24 32.70 6.09
N LEU A 518 10.86 31.43 6.13
CA LEU A 518 9.87 30.91 5.20
C LEU A 518 8.56 31.68 5.33
N ALA A 519 8.52 32.62 6.26
CA ALA A 519 7.32 33.42 6.50
C ALA A 519 7.42 34.81 5.86
N ALA A 520 8.55 35.08 5.22
CA ALA A 520 8.77 36.38 4.56
C ALA A 520 7.93 36.53 3.30
N PRO A 521 7.70 37.79 2.87
CA PRO A 521 6.91 38.11 1.67
C PRO A 521 7.47 37.55 0.36
N GLU A 522 8.79 37.56 0.22
CA GLU A 522 9.43 37.06 -0.99
C GLU A 522 9.86 35.60 -0.85
N ALA A 523 9.44 34.96 0.23
CA ALA A 523 9.80 33.56 0.48
C ALA A 523 9.39 32.64 -0.67
N ALA A 524 8.10 32.65 -1.02
CA ALA A 524 7.60 31.80 -2.09
C ALA A 524 8.48 31.87 -3.35
N GLY A 525 8.77 33.07 -3.83
CA GLY A 525 9.58 33.23 -5.02
C GLY A 525 11.00 32.69 -4.92
N GLU A 526 11.65 32.91 -3.78
CA GLU A 526 13.00 32.45 -3.55
C GLU A 526 13.05 30.93 -3.51
N VAL A 527 12.07 30.31 -2.85
CA VAL A 527 12.05 28.87 -2.78
C VAL A 527 11.81 28.29 -4.17
N GLU A 528 10.90 28.90 -4.94
CA GLU A 528 10.64 28.42 -6.29
C GLU A 528 11.90 28.53 -7.13
N ARG A 529 12.69 29.58 -6.89
CA ARG A 529 13.94 29.78 -7.62
C ARG A 529 14.93 28.67 -7.26
N LEU A 530 14.95 28.31 -5.97
CA LEU A 530 15.85 27.27 -5.50
C LEU A 530 15.48 25.88 -6.02
N ILE A 531 14.20 25.53 -5.91
CA ILE A 531 13.75 24.20 -6.33
C ILE A 531 13.56 24.09 -7.84
N GLY A 532 13.60 25.21 -8.54
CA GLY A 532 13.46 25.18 -9.98
C GLY A 532 12.08 24.89 -10.58
N HIS A 533 11.04 25.07 -9.79
CA HIS A 533 9.69 24.85 -10.28
C HIS A 533 8.72 25.55 -9.35
N PRO A 534 7.47 25.74 -9.79
CA PRO A 534 6.51 26.41 -8.92
C PRO A 534 6.14 25.52 -7.73
N LEU A 535 5.85 26.15 -6.60
CA LEU A 535 5.43 25.41 -5.42
C LEU A 535 4.06 24.82 -5.74
N PRO A 536 3.60 23.83 -4.95
CA PRO A 536 4.31 23.26 -3.80
C PRO A 536 5.52 22.39 -4.13
N LEU A 537 6.20 21.96 -3.06
CA LEU A 537 7.35 21.08 -3.17
C LEU A 537 6.88 19.71 -3.70
N ARG A 538 7.75 19.06 -4.47
CA ARG A 538 7.47 17.75 -5.02
C ARG A 538 8.50 16.80 -4.41
N LEU A 539 9.49 16.36 -5.18
CA LEU A 539 10.52 15.49 -4.63
C LEU A 539 11.66 16.38 -4.16
N ASP A 540 11.31 17.37 -3.34
CA ASP A 540 12.27 18.29 -2.81
C ASP A 540 11.82 18.82 -1.48
N ALA A 541 12.72 19.55 -0.83
CA ALA A 541 12.47 20.08 0.48
C ALA A 541 13.14 21.42 0.65
N ILE A 542 12.62 22.19 1.61
CA ILE A 542 13.19 23.49 1.91
C ILE A 542 13.34 23.64 3.42
N THR A 543 14.48 24.18 3.84
CA THR A 543 14.76 24.44 5.24
C THR A 543 15.05 25.92 5.39
N GLY A 544 14.45 26.54 6.40
CA GLY A 544 14.66 27.95 6.64
C GLY A 544 14.13 28.29 8.01
N PRO A 545 14.45 29.46 8.57
CA PRO A 545 13.96 29.84 9.90
C PRO A 545 12.43 29.79 9.94
N GLU A 546 11.87 29.29 11.04
CA GLU A 546 10.41 29.21 11.15
C GLU A 546 9.84 30.63 11.27
N GLU A 547 10.71 31.53 11.71
CA GLU A 547 10.37 32.94 11.86
C GLU A 547 11.70 33.68 11.90
N GLU A 548 11.66 34.99 11.68
CA GLU A 548 12.89 35.77 11.70
C GLU A 548 13.66 35.56 13.00
N GLY A 549 14.92 35.14 12.87
CA GLY A 549 15.76 34.90 14.04
C GLY A 549 15.39 33.67 14.84
N GLY A 550 14.61 32.78 14.24
CA GLY A 550 14.20 31.59 14.96
C GLY A 550 14.90 30.32 14.52
N ARG A 551 14.51 29.20 15.14
CA ARG A 551 15.06 27.89 14.83
C ARG A 551 14.59 27.46 13.45
N LEU A 552 15.29 26.51 12.85
CA LEU A 552 14.93 26.05 11.51
C LEU A 552 13.81 25.03 11.41
N GLU A 553 13.09 25.08 10.29
CA GLU A 553 12.03 24.12 10.03
C GLU A 553 12.31 23.60 8.63
N THR A 554 11.94 22.35 8.38
CA THR A 554 12.16 21.76 7.07
C THR A 554 10.83 21.21 6.56
N ILE A 555 10.48 21.53 5.33
CA ILE A 555 9.25 21.02 4.77
C ILE A 555 9.63 20.05 3.66
N LEU A 556 9.08 18.85 3.70
CA LEU A 556 9.32 17.87 2.63
C LEU A 556 8.07 17.87 1.75
N GLY A 557 8.24 18.01 0.44
CA GLY A 557 7.07 17.94 -0.41
C GLY A 557 6.46 16.56 -0.17
N TRP A 558 5.14 16.43 -0.31
CA TRP A 558 4.50 15.13 -0.07
C TRP A 558 5.12 13.95 -0.81
N PRO A 559 5.49 14.12 -2.09
CA PRO A 559 6.09 12.99 -2.81
C PRO A 559 7.35 12.49 -2.13
N LEU A 560 8.15 13.42 -1.62
CA LEU A 560 9.39 13.07 -0.91
C LEU A 560 9.05 12.50 0.47
N ALA A 561 8.06 13.12 1.14
CA ALA A 561 7.64 12.66 2.45
C ALA A 561 7.23 11.20 2.43
N GLU A 562 6.56 10.79 1.36
CA GLU A 562 6.12 9.40 1.28
C GLU A 562 7.26 8.41 1.25
N ARG A 563 8.43 8.82 0.74
CA ARG A 563 9.55 7.90 0.69
C ARG A 563 10.51 7.96 1.87
N THR A 564 10.09 8.64 2.93
CA THR A 564 10.89 8.68 4.15
C THR A 564 10.74 7.35 4.85
N VAL A 565 11.61 7.15 5.85
CA VAL A 565 11.49 6.03 6.78
C VAL A 565 11.50 6.83 8.08
N VAL A 566 10.50 6.62 8.91
CA VAL A 566 10.41 7.32 10.19
C VAL A 566 10.41 6.30 11.30
N ILE A 567 11.27 6.51 12.28
CA ILE A 567 11.36 5.59 13.41
C ILE A 567 11.30 6.41 14.70
N PRO A 568 11.09 5.75 15.83
CA PRO A 568 11.02 6.51 17.09
C PRO A 568 12.33 7.13 17.56
N SER A 569 12.21 8.25 18.26
CA SER A 569 13.38 8.89 18.86
C SER A 569 13.50 8.25 20.25
N ALA A 570 14.70 8.27 20.82
CA ALA A 570 14.89 7.73 22.16
C ALA A 570 14.66 8.89 23.14
N ILE A 571 14.30 10.06 22.61
CA ILE A 571 13.98 11.23 23.43
C ILE A 571 12.49 11.08 23.78
N PRO A 572 12.17 10.92 25.07
CA PRO A 572 10.78 10.75 25.48
C PRO A 572 10.01 12.04 25.67
N THR A 573 8.67 11.93 25.60
CA THR A 573 7.81 13.06 25.87
C THR A 573 7.46 12.91 27.37
N ASP A 574 7.12 14.02 28.01
CA ASP A 574 6.84 14.01 29.44
C ASP A 574 5.35 14.09 29.77
N PRO A 575 4.75 12.97 30.20
CA PRO A 575 3.32 12.93 30.54
C PRO A 575 2.93 13.88 31.66
N ARG A 576 3.89 14.25 32.50
CA ARG A 576 3.63 15.13 33.61
C ARG A 576 3.82 16.62 33.30
N ASN A 577 4.37 16.92 32.12
CA ASN A 577 4.57 18.31 31.73
C ASN A 577 4.22 18.57 30.27
N VAL A 578 3.04 18.10 29.86
CA VAL A 578 2.61 18.30 28.49
C VAL A 578 2.44 19.79 28.22
N GLY A 579 3.18 20.30 27.24
CA GLY A 579 3.10 21.71 26.92
C GLY A 579 4.39 22.41 27.32
N GLY A 580 5.19 21.71 28.12
CA GLY A 580 6.45 22.26 28.56
C GLY A 580 7.50 22.10 27.48
N ASP A 581 8.67 22.71 27.70
CA ASP A 581 9.75 22.62 26.73
C ASP A 581 10.59 21.37 26.95
N LEU A 582 11.23 20.90 25.90
CA LEU A 582 12.07 19.73 25.98
C LEU A 582 13.21 19.98 26.96
N ASP A 583 13.37 19.07 27.92
CA ASP A 583 14.45 19.18 28.89
C ASP A 583 15.68 18.60 28.22
N PRO A 584 16.65 19.47 27.87
CA PRO A 584 17.88 19.01 27.21
C PRO A 584 18.55 17.82 27.87
N SER A 585 18.44 17.72 29.19
CA SER A 585 19.06 16.61 29.90
C SER A 585 18.41 15.27 29.60
N SER A 586 17.25 15.30 28.94
CA SER A 586 16.55 14.06 28.61
C SER A 586 16.98 13.54 27.24
N ILE A 587 17.76 14.32 26.51
CA ILE A 587 18.24 13.91 25.19
C ILE A 587 19.45 13.01 25.36
N PRO A 588 19.35 11.74 24.94
CA PRO A 588 20.50 10.86 25.09
C PRO A 588 21.69 11.42 24.29
N ASP A 589 22.86 11.49 24.92
CA ASP A 589 24.04 11.99 24.21
C ASP A 589 24.36 11.19 22.96
N LYS A 590 24.14 9.88 23.01
CA LYS A 590 24.41 9.02 21.87
C LYS A 590 23.42 9.27 20.75
N GLU A 591 22.22 9.75 21.08
CA GLU A 591 21.28 10.06 20.01
C GLU A 591 21.78 11.37 19.40
N GLN A 592 22.21 12.31 20.23
CA GLN A 592 22.73 13.55 19.68
C GLN A 592 23.85 13.29 18.68
N ALA A 593 24.69 12.29 18.98
CA ALA A 593 25.81 11.94 18.12
C ALA A 593 25.43 11.41 16.74
N ILE A 594 24.17 11.00 16.57
CA ILE A 594 23.72 10.53 15.26
C ILE A 594 22.65 11.47 14.73
N SER A 595 22.63 12.71 15.25
CA SER A 595 21.61 13.66 14.84
C SER A 595 22.06 14.95 14.16
N ALA A 596 23.29 14.96 13.67
CA ALA A 596 23.75 16.11 12.91
C ALA A 596 22.93 16.03 11.62
N LEU A 597 22.74 17.16 10.95
CA LEU A 597 21.92 17.21 9.73
C LEU A 597 22.79 17.35 8.49
N PRO A 598 22.27 16.97 7.32
CA PRO A 598 23.04 17.07 6.08
C PRO A 598 23.26 18.50 5.62
N ASP A 599 24.17 18.63 4.68
CA ASP A 599 24.54 19.88 4.05
C ASP A 599 23.53 20.08 2.92
N TYR A 600 22.69 21.10 3.05
CA TYR A 600 21.67 21.39 2.07
C TYR A 600 22.16 22.43 1.07
N ALA A 601 21.59 22.38 -0.13
CA ALA A 601 21.94 23.29 -1.22
C ALA A 601 21.38 24.69 -1.01
N SER A 602 22.24 25.70 -1.20
CA SER A 602 21.84 27.10 -1.03
C SER A 602 21.61 27.80 -2.36
N GLN A 603 21.87 27.09 -3.45
CA GLN A 603 21.68 27.63 -4.78
C GLN A 603 20.90 26.64 -5.62
N PRO A 604 20.18 27.10 -6.65
CA PRO A 604 19.43 26.17 -7.48
C PRO A 604 20.41 25.34 -8.27
N GLY A 605 20.00 24.13 -8.68
CA GLY A 605 20.88 23.28 -9.46
C GLY A 605 21.31 23.96 -10.76
N LYS A 606 22.54 23.73 -11.18
CA LYS A 606 23.05 24.31 -12.41
C LYS A 606 23.24 23.24 -13.49
CL CL B . -19.26 -21.76 -19.78
CL CL C . 23.24 8.06 25.57
NA NA D . -18.99 -15.26 -10.37
NA NA E . -11.93 -11.53 -30.17
#